data_3RUX
#
_entry.id   3RUX
#
_cell.length_a   63.882
_cell.length_b   68.802
_cell.length_c   115.755
_cell.angle_alpha   90.000
_cell.angle_beta   90.000
_cell.angle_gamma   90.000
#
_symmetry.space_group_name_H-M   'P 21 21 21'
#
loop_
_entity.id
_entity.type
_entity.pdbx_description
1 polymer 'BirA bifunctional protein'
2 non-polymer "5'-deoxy-5'-[({5-[(3aS,4S,6aR)-2-oxohexahydro-1H-thieno[3,4-d]imidazol-4-yl]pentanoyl}sulfamoyl)amino]adenosine"
3 water water
#
_entity_poly.entity_id   1
_entity_poly.type   'polypeptide(L)'
_entity_poly.pdbx_seq_one_letter_code
;GSHMVTDRDRLRPPLDERSLRDQLIGAGSGWRQLDVVAQTGSTNADLLARAASGADIDGVVLIAEHQTAGRGRHGRGWAA
TARAQIILSVGVRVVDVPVQAWGWLSLAAGLAVLDSVAPLIAVPPAETGLKWPNDVLARGGKLAGILAEVAQPFVVLGVG
LNVTQAPEEVDPDATSLLDLGVAAPDRNRIASRLLRELEARIIQWRNANPQLAADYRARSLTIGSRVRVELPGGQDVVGI
ARDIDDQGRLCLDVGGRTVVVSAGDVVHLR
;
_entity_poly.pdbx_strand_id   A,B
#
loop_
_chem_comp.id
_chem_comp.type
_chem_comp.name
_chem_comp.formula
BS5 non-polymer 5'-deoxy-5'-[({5-[(3aS,4S,6aR)-2-oxohexahydro-1H-thieno[3,4-d]imidazol-4-yl]pentanoyl}sulfamoyl)amino]adenosine 'C20 H29 N9 O7 S2'
#
# COMPACT_ATOMS: atom_id res chain seq x y z
N THR A 6 10.51 -29.00 -35.33
CA THR A 6 10.05 -29.31 -36.68
C THR A 6 8.76 -30.14 -36.65
N ASP A 7 8.73 -31.15 -35.77
CA ASP A 7 7.54 -31.98 -35.64
C ASP A 7 6.37 -31.21 -35.05
N ARG A 8 6.66 -30.17 -34.27
CA ARG A 8 5.60 -29.36 -33.68
C ARG A 8 4.84 -28.56 -34.74
N ASP A 9 5.48 -28.34 -35.89
CA ASP A 9 4.83 -27.62 -36.98
C ASP A 9 3.55 -28.33 -37.40
N ARG A 10 3.56 -29.67 -37.35
CA ARG A 10 2.40 -30.47 -37.72
C ARG A 10 1.28 -30.29 -36.71
N LEU A 11 1.60 -29.69 -35.57
CA LEU A 11 0.62 -29.48 -34.52
C LEU A 11 0.17 -28.03 -34.49
N ARG A 12 0.54 -27.28 -35.53
CA ARG A 12 0.27 -25.85 -35.59
C ARG A 12 -0.51 -25.42 -36.84
N PRO A 13 -1.73 -25.94 -37.02
CA PRO A 13 -2.55 -25.45 -38.13
C PRO A 13 -2.96 -24.00 -37.90
N PRO A 14 -3.30 -23.29 -38.98
CA PRO A 14 -3.63 -21.87 -38.84
C PRO A 14 -4.98 -21.66 -38.16
N LEU A 15 -5.20 -20.46 -37.68
CA LEU A 15 -6.50 -20.10 -37.11
C LEU A 15 -7.52 -19.99 -38.23
N ASP A 16 -8.79 -20.17 -37.88
CA ASP A 16 -9.89 -19.99 -38.81
C ASP A 16 -10.63 -18.70 -38.47
N GLU A 17 -10.25 -17.61 -39.14
CA GLU A 17 -10.81 -16.30 -38.84
C GLU A 17 -12.33 -16.27 -39.01
N ARG A 18 -12.81 -16.86 -40.10
CA ARG A 18 -14.24 -16.89 -40.38
C ARG A 18 -15.02 -17.56 -39.26
N SER A 19 -14.53 -18.72 -38.81
CA SER A 19 -15.20 -19.45 -37.75
C SER A 19 -15.22 -18.66 -36.45
N LEU A 20 -14.09 -18.05 -36.10
CA LEU A 20 -14.01 -17.24 -34.88
C LEU A 20 -15.03 -16.11 -34.93
N ARG A 21 -15.09 -15.41 -36.06
CA ARG A 21 -16.06 -14.34 -36.24
C ARG A 21 -17.49 -14.85 -36.09
N ASP A 22 -17.79 -15.97 -36.75
CA ASP A 22 -19.11 -16.58 -36.68
C ASP A 22 -19.52 -16.85 -35.24
N GLN A 23 -18.57 -17.34 -34.44
CA GLN A 23 -18.84 -17.69 -33.05
C GLN A 23 -18.93 -16.46 -32.15
N LEU A 24 -18.07 -15.49 -32.40
CA LEU A 24 -17.81 -14.43 -31.41
C LEU A 24 -18.46 -13.07 -31.68
N ILE A 25 -18.96 -12.87 -32.89
CA ILE A 25 -19.62 -11.61 -33.22
C ILE A 25 -21.07 -11.88 -33.60
N GLY A 26 -21.97 -11.23 -32.87
CA GLY A 26 -23.39 -11.38 -33.10
C GLY A 26 -24.17 -11.30 -31.80
N ALA A 27 -25.48 -11.50 -31.88
CA ALA A 27 -26.32 -11.44 -30.69
C ALA A 27 -25.75 -12.28 -29.55
N GLY A 28 -25.78 -11.73 -28.35
CA GLY A 28 -25.30 -12.45 -27.18
C GLY A 28 -23.82 -12.23 -26.88
N SER A 29 -23.11 -11.62 -27.82
CA SER A 29 -21.69 -11.36 -27.63
C SER A 29 -21.35 -9.87 -27.76
N GLY A 30 -20.37 -9.43 -26.98
CA GLY A 30 -19.99 -8.02 -26.97
C GLY A 30 -18.87 -7.65 -27.93
N TRP A 31 -18.24 -8.65 -28.53
CA TRP A 31 -17.15 -8.39 -29.47
C TRP A 31 -17.70 -7.79 -30.76
N ARG A 32 -17.09 -6.69 -31.20
CA ARG A 32 -17.60 -5.94 -32.35
C ARG A 32 -16.82 -6.19 -33.63
N GLN A 33 -15.58 -6.62 -33.48
CA GLN A 33 -14.69 -6.79 -34.62
C GLN A 33 -13.61 -7.79 -34.25
N LEU A 34 -13.25 -8.64 -35.22
CA LEU A 34 -12.20 -9.62 -34.99
C LEU A 34 -11.40 -9.81 -36.26
N ASP A 35 -10.09 -9.64 -36.15
CA ASP A 35 -9.20 -9.87 -37.29
C ASP A 35 -8.03 -10.76 -36.90
N VAL A 36 -7.68 -11.66 -37.80
CA VAL A 36 -6.47 -12.46 -37.68
C VAL A 36 -5.48 -11.98 -38.73
N VAL A 37 -4.30 -11.57 -38.28
CA VAL A 37 -3.25 -11.17 -39.21
C VAL A 37 -2.14 -12.21 -39.22
N ALA A 38 -1.52 -12.42 -40.37
CA ALA A 38 -0.43 -13.36 -40.47
C ALA A 38 0.71 -12.96 -39.55
N GLN A 39 1.00 -11.66 -39.49
CA GLN A 39 2.18 -11.17 -38.79
C GLN A 39 2.08 -9.69 -38.42
N THR A 40 2.62 -9.35 -37.26
CA THR A 40 2.77 -7.95 -36.88
C THR A 40 3.89 -7.81 -35.85
N GLY A 41 4.29 -6.56 -35.58
CA GLY A 41 5.28 -6.29 -34.56
C GLY A 41 4.75 -6.52 -33.16
N SER A 42 3.60 -5.91 -32.88
CA SER A 42 2.95 -6.05 -31.59
C SER A 42 1.46 -5.75 -31.70
N THR A 43 0.63 -6.72 -31.35
CA THR A 43 -0.82 -6.51 -31.43
C THR A 43 -1.27 -5.40 -30.50
N ASN A 44 -0.61 -5.27 -29.35
CA ASN A 44 -0.92 -4.19 -28.43
C ASN A 44 -0.63 -2.83 -29.06
N ALA A 45 0.53 -2.72 -29.70
CA ALA A 45 0.91 -1.48 -30.36
C ALA A 45 -0.09 -1.15 -31.47
N ASP A 46 -0.51 -2.18 -32.19
CA ASP A 46 -1.45 -1.98 -33.29
C ASP A 46 -2.78 -1.39 -32.84
N LEU A 47 -3.37 -1.95 -31.78
CA LEU A 47 -4.64 -1.44 -31.28
C LEU A 47 -4.50 -0.05 -30.67
N LEU A 48 -3.37 0.21 -30.02
CA LEU A 48 -3.09 1.53 -29.47
C LEU A 48 -2.99 2.56 -30.60
N ALA A 49 -2.38 2.15 -31.71
CA ALA A 49 -2.23 3.03 -32.86
C ALA A 49 -3.57 3.35 -33.51
N ARG A 50 -4.43 2.35 -33.63
CA ARG A 50 -5.78 2.58 -34.13
C ARG A 50 -6.50 3.62 -33.27
N ALA A 51 -6.42 3.42 -31.95
CA ALA A 51 -7.06 4.34 -31.01
C ALA A 51 -6.49 5.74 -31.14
N ALA A 52 -5.19 5.83 -31.38
CA ALA A 52 -4.51 7.11 -31.48
C ALA A 52 -4.88 7.89 -32.74
N SER A 53 -5.45 7.18 -33.71
CA SER A 53 -5.92 7.84 -34.93
C SER A 53 -7.44 7.96 -34.95
N GLY A 54 -8.07 7.74 -33.80
CA GLY A 54 -9.48 8.05 -33.64
C GLY A 54 -10.44 6.87 -33.63
N ALA A 55 -9.90 5.66 -33.74
CA ALA A 55 -10.75 4.48 -33.80
C ALA A 55 -11.39 4.14 -32.45
N ASP A 56 -12.63 3.69 -32.49
CA ASP A 56 -13.29 3.16 -31.31
C ASP A 56 -12.93 1.69 -31.19
N ILE A 57 -11.99 1.37 -30.31
CA ILE A 57 -11.50 0.00 -30.21
C ILE A 57 -12.17 -0.83 -29.12
N ASP A 58 -13.23 -0.29 -28.51
CA ASP A 58 -13.96 -1.07 -27.52
C ASP A 58 -14.52 -2.34 -28.17
N GLY A 59 -14.22 -3.49 -27.58
CA GLY A 59 -14.71 -4.75 -28.08
C GLY A 59 -14.07 -5.20 -29.38
N VAL A 60 -12.95 -4.56 -29.73
CA VAL A 60 -12.21 -4.95 -30.93
C VAL A 60 -11.13 -5.97 -30.61
N VAL A 61 -11.09 -7.03 -31.40
CA VAL A 61 -10.13 -8.11 -31.18
C VAL A 61 -9.14 -8.20 -32.34
N LEU A 62 -7.86 -8.27 -32.00
CA LEU A 62 -6.81 -8.48 -33.00
C LEU A 62 -5.97 -9.68 -32.61
N ILE A 63 -5.92 -10.67 -33.50
CA ILE A 63 -5.13 -11.88 -33.25
C ILE A 63 -4.04 -11.99 -34.30
N ALA A 64 -2.83 -12.32 -33.86
CA ALA A 64 -1.72 -12.46 -34.79
C ALA A 64 -1.16 -13.89 -34.75
N GLU A 65 -1.00 -14.50 -35.92
CA GLU A 65 -0.42 -15.83 -36.02
C GLU A 65 1.03 -15.79 -35.57
N HIS A 66 1.70 -14.69 -35.89
CA HIS A 66 3.09 -14.50 -35.51
CA HIS A 66 3.09 -14.51 -35.48
C HIS A 66 3.31 -13.06 -35.07
N GLN A 67 4.23 -12.85 -34.13
CA GLN A 67 4.49 -11.51 -33.61
C GLN A 67 6.00 -11.31 -33.46
N THR A 68 6.53 -10.31 -34.15
CA THR A 68 7.98 -10.20 -34.34
C THR A 68 8.69 -9.22 -33.40
N ALA A 69 7.92 -8.33 -32.77
CA ALA A 69 8.49 -7.38 -31.82
C ALA A 69 7.59 -7.25 -30.60
N GLY A 70 7.24 -8.39 -30.02
CA GLY A 70 6.33 -8.45 -28.89
C GLY A 70 6.83 -7.65 -27.71
N ARG A 71 5.89 -7.15 -26.90
CA ARG A 71 6.23 -6.35 -25.74
C ARG A 71 5.80 -7.03 -24.45
N GLY A 72 6.68 -7.00 -23.45
CA GLY A 72 6.32 -7.44 -22.12
C GLY A 72 6.16 -6.22 -21.23
N ARG A 73 5.93 -6.44 -19.95
CA ARG A 73 5.84 -5.35 -18.99
C ARG A 73 7.19 -4.67 -18.83
N HIS A 74 7.16 -3.41 -18.41
CA HIS A 74 8.36 -2.69 -18.01
C HIS A 74 9.46 -2.71 -19.08
N GLY A 75 9.06 -2.53 -20.33
CA GLY A 75 10.01 -2.41 -21.42
C GLY A 75 10.69 -3.70 -21.83
N ARG A 76 10.21 -4.82 -21.32
CA ARG A 76 10.76 -6.12 -21.68
C ARG A 76 10.13 -6.61 -22.97
N GLY A 77 10.60 -7.76 -23.46
CA GLY A 77 10.10 -8.31 -24.72
C GLY A 77 9.18 -9.49 -24.53
N TRP A 78 8.56 -9.92 -25.64
CA TRP A 78 7.80 -11.16 -25.68
C TRP A 78 8.14 -11.90 -26.96
N ALA A 79 8.61 -13.13 -26.82
CA ALA A 79 9.07 -13.92 -27.97
C ALA A 79 8.00 -14.87 -28.46
N ALA A 80 7.99 -15.12 -29.77
CA ALA A 80 7.05 -16.04 -30.37
C ALA A 80 7.57 -16.62 -31.69
N THR A 81 7.05 -17.79 -32.05
CA THR A 81 7.19 -18.29 -33.41
C THR A 81 5.79 -18.50 -33.97
N ALA A 82 5.68 -18.56 -35.29
CA ALA A 82 4.38 -18.59 -35.96
C ALA A 82 3.49 -19.75 -35.52
N ARG A 83 2.24 -19.43 -35.23
CA ARG A 83 1.20 -20.43 -34.97
C ARG A 83 1.41 -21.25 -33.69
N ALA A 84 2.34 -20.84 -32.85
CA ALA A 84 2.67 -21.59 -31.64
C ALA A 84 1.92 -21.07 -30.42
N GLN A 85 1.42 -19.85 -30.52
CA GLN A 85 0.72 -19.21 -29.41
C GLN A 85 -0.63 -18.70 -29.88
N ILE A 86 -1.48 -18.38 -28.92
CA ILE A 86 -2.58 -17.45 -29.17
C ILE A 86 -2.06 -16.09 -28.73
N ILE A 87 -1.93 -15.20 -29.71
CA ILE A 87 -1.40 -13.86 -29.49
C ILE A 87 -2.49 -12.86 -29.85
N LEU A 88 -3.06 -12.21 -28.84
CA LEU A 88 -4.15 -11.28 -29.14
C LEU A 88 -4.19 -10.06 -28.24
N SER A 89 -4.88 -9.03 -28.73
CA SER A 89 -5.17 -7.86 -27.95
C SER A 89 -6.64 -7.52 -28.13
N VAL A 90 -7.25 -6.98 -27.09
CA VAL A 90 -8.61 -6.48 -27.19
C VAL A 90 -8.65 -5.08 -26.62
N GLY A 91 -9.57 -4.27 -27.13
CA GLY A 91 -9.79 -2.93 -26.62
C GLY A 91 -10.91 -2.92 -25.60
N VAL A 92 -10.74 -2.12 -24.55
CA VAL A 92 -11.76 -2.02 -23.50
C VAL A 92 -11.95 -0.57 -23.11
N ARG A 93 -13.16 -0.05 -23.31
CA ARG A 93 -13.46 1.29 -22.81
C ARG A 93 -13.51 1.24 -21.28
N VAL A 94 -12.74 2.12 -20.64
CA VAL A 94 -12.59 2.07 -19.19
C VAL A 94 -12.97 3.38 -18.48
N VAL A 95 -13.21 4.43 -19.26
CA VAL A 95 -13.44 5.75 -18.68
CA VAL A 95 -13.46 5.76 -18.70
C VAL A 95 -14.66 5.80 -17.76
N ASP A 96 -15.61 4.88 -17.96
CA ASP A 96 -16.81 4.82 -17.15
CA ASP A 96 -16.81 4.84 -17.13
C ASP A 96 -16.56 4.20 -15.77
N VAL A 97 -15.35 3.68 -15.57
CA VAL A 97 -14.99 3.03 -14.32
C VAL A 97 -13.94 3.84 -13.58
N PRO A 98 -14.10 3.98 -12.24
CA PRO A 98 -13.14 4.76 -11.45
C PRO A 98 -11.70 4.33 -11.71
N VAL A 99 -10.82 5.30 -11.89
CA VAL A 99 -9.43 5.03 -12.27
C VAL A 99 -8.72 4.10 -11.28
N GLN A 100 -9.11 4.18 -10.01
CA GLN A 100 -8.48 3.38 -8.96
C GLN A 100 -8.72 1.88 -9.16
N ALA A 101 -9.65 1.54 -10.04
CA ALA A 101 -10.06 0.15 -10.21
C ALA A 101 -9.49 -0.49 -11.47
N TRP A 102 -8.83 0.30 -12.31
CA TRP A 102 -8.35 -0.18 -13.60
C TRP A 102 -7.31 -1.29 -13.45
N GLY A 103 -6.63 -1.31 -12.31
CA GLY A 103 -5.62 -2.33 -12.06
C GLY A 103 -6.21 -3.73 -12.06
N TRP A 104 -7.49 -3.83 -11.73
CA TRP A 104 -8.15 -5.13 -11.65
C TRP A 104 -8.47 -5.71 -13.02
N LEU A 105 -8.55 -4.86 -14.03
CA LEU A 105 -8.81 -5.31 -15.39
C LEU A 105 -7.75 -6.32 -15.83
N SER A 106 -6.50 -6.03 -15.50
CA SER A 106 -5.38 -6.92 -15.83
C SER A 106 -5.47 -8.26 -15.12
N LEU A 107 -5.81 -8.24 -13.84
CA LEU A 107 -5.93 -9.47 -13.07
C LEU A 107 -7.06 -10.32 -13.63
N ALA A 108 -8.14 -9.66 -14.03
CA ALA A 108 -9.29 -10.33 -14.61
C ALA A 108 -8.89 -11.07 -15.88
N ALA A 109 -8.01 -10.45 -16.67
CA ALA A 109 -7.58 -11.02 -17.93
C ALA A 109 -6.84 -12.34 -17.72
N GLY A 110 -5.96 -12.39 -16.72
CA GLY A 110 -5.22 -13.62 -16.43
C GLY A 110 -6.15 -14.73 -15.98
N LEU A 111 -7.11 -14.38 -15.14
CA LEU A 111 -8.11 -15.33 -14.67
C LEU A 111 -8.86 -15.94 -15.86
N ALA A 112 -9.26 -15.09 -16.80
CA ALA A 112 -9.97 -15.56 -17.98
C ALA A 112 -9.11 -16.54 -18.78
N VAL A 113 -7.85 -16.20 -18.98
CA VAL A 113 -6.93 -17.08 -19.71
C VAL A 113 -6.81 -18.43 -18.99
N LEU A 114 -6.59 -18.38 -17.69
CA LEU A 114 -6.46 -19.61 -16.91
C LEU A 114 -7.69 -20.50 -17.05
N ASP A 115 -8.87 -19.92 -16.85
CA ASP A 115 -10.10 -20.68 -16.93
C ASP A 115 -10.34 -21.26 -18.32
N SER A 116 -9.82 -20.60 -19.35
CA SER A 116 -10.05 -21.04 -20.71
C SER A 116 -9.30 -22.32 -21.07
N VAL A 117 -8.22 -22.60 -20.35
CA VAL A 117 -7.40 -23.77 -20.66
C VAL A 117 -7.30 -24.80 -19.53
N ALA A 118 -7.68 -24.41 -18.32
CA ALA A 118 -7.56 -25.29 -17.16
C ALA A 118 -8.06 -26.71 -17.40
N PRO A 119 -9.23 -26.86 -18.04
CA PRO A 119 -9.84 -28.19 -18.24
C PRO A 119 -9.21 -29.06 -19.34
N LEU A 120 -8.25 -28.55 -20.10
CA LEU A 120 -7.64 -29.34 -21.17
C LEU A 120 -6.59 -30.31 -20.62
N ILE A 121 -6.04 -29.96 -19.48
CA ILE A 121 -5.03 -30.79 -18.82
C ILE A 121 -5.68 -31.98 -18.12
N ALA A 122 -5.07 -33.15 -18.26
CA ALA A 122 -5.60 -34.36 -17.62
C ALA A 122 -5.62 -34.18 -16.10
N VAL A 123 -4.45 -33.94 -15.53
CA VAL A 123 -4.35 -33.62 -14.10
C VAL A 123 -3.42 -32.43 -13.89
N PRO A 124 -3.93 -31.38 -13.23
CA PRO A 124 -3.16 -30.15 -13.02
C PRO A 124 -1.96 -30.39 -12.11
N PRO A 125 -0.75 -30.09 -12.61
CA PRO A 125 0.46 -30.22 -11.78
C PRO A 125 0.47 -29.17 -10.69
N ALA A 126 1.37 -29.31 -9.72
CA ALA A 126 1.51 -28.31 -8.68
C ALA A 126 1.93 -26.98 -9.29
N GLU A 127 1.68 -25.89 -8.55
CA GLU A 127 2.03 -24.55 -9.01
C GLU A 127 1.35 -24.20 -10.33
N THR A 128 0.03 -24.42 -10.38
CA THR A 128 -0.78 -24.05 -11.53
C THR A 128 -1.87 -23.06 -11.13
N GLY A 129 -1.77 -21.83 -11.63
CA GLY A 129 -2.69 -20.79 -11.25
C GLY A 129 -2.15 -19.43 -11.63
N LEU A 130 -2.47 -18.41 -10.84
CA LEU A 130 -2.13 -17.04 -11.19
C LEU A 130 -1.03 -16.47 -10.29
N LYS A 131 0.02 -15.95 -10.91
CA LYS A 131 1.05 -15.22 -10.17
C LYS A 131 0.84 -13.74 -10.39
N TRP A 132 0.77 -12.98 -9.30
CA TRP A 132 0.56 -11.54 -9.40
C TRP A 132 1.76 -10.93 -10.12
N PRO A 133 1.53 -9.97 -11.04
CA PRO A 133 0.23 -9.38 -11.35
C PRO A 133 -0.35 -9.82 -12.68
N ASN A 134 0.41 -10.62 -13.45
N ASN A 134 0.41 -10.53 -13.50
CA ASN A 134 0.08 -10.90 -14.85
CA ASN A 134 -0.18 -11.10 -14.70
C ASN A 134 0.48 -12.26 -15.43
C ASN A 134 0.65 -12.18 -15.35
N ASP A 135 0.77 -13.26 -14.59
CA ASP A 135 1.31 -14.51 -15.09
C ASP A 135 0.32 -15.65 -14.87
N VAL A 136 0.10 -16.44 -15.91
CA VAL A 136 -0.58 -17.72 -15.73
C VAL A 136 0.51 -18.78 -15.66
N LEU A 137 0.59 -19.48 -14.54
CA LEU A 137 1.61 -20.50 -14.33
C LEU A 137 1.03 -21.91 -14.35
N ALA A 138 1.83 -22.86 -14.81
CA ALA A 138 1.47 -24.27 -14.72
C ALA A 138 2.74 -25.06 -14.49
N ARG A 139 2.76 -25.86 -13.43
CA ARG A 139 3.95 -26.62 -13.10
C ARG A 139 5.13 -25.67 -12.91
N GLY A 140 4.84 -24.47 -12.44
CA GLY A 140 5.86 -23.47 -12.17
C GLY A 140 6.32 -22.73 -13.41
N GLY A 141 5.87 -23.17 -14.57
CA GLY A 141 6.27 -22.55 -15.82
C GLY A 141 5.31 -21.46 -16.27
N LYS A 142 5.82 -20.47 -17.01
CA LYS A 142 4.97 -19.39 -17.48
C LYS A 142 4.22 -19.79 -18.74
N LEU A 143 2.93 -20.07 -18.57
CA LEU A 143 2.06 -20.51 -19.66
C LEU A 143 1.53 -19.34 -20.48
N ALA A 144 1.29 -18.22 -19.82
CA ALA A 144 0.83 -17.02 -20.51
C ALA A 144 1.23 -15.72 -19.79
N GLY A 145 1.42 -14.66 -20.56
CA GLY A 145 1.73 -13.35 -20.01
C GLY A 145 0.70 -12.34 -20.46
N ILE A 146 0.37 -11.41 -19.57
CA ILE A 146 -0.66 -10.40 -19.84
C ILE A 146 -0.04 -9.01 -19.81
N LEU A 147 -0.43 -8.17 -20.77
CA LEU A 147 0.04 -6.79 -20.79
C LEU A 147 -1.12 -5.83 -21.00
N ALA A 148 -1.33 -4.95 -20.03
CA ALA A 148 -2.38 -3.95 -20.10
C ALA A 148 -1.77 -2.57 -20.30
N GLU A 149 -2.21 -1.87 -21.34
CA GLU A 149 -1.70 -0.55 -21.62
C GLU A 149 -2.84 0.47 -21.68
N VAL A 150 -2.63 1.60 -21.02
CA VAL A 150 -3.70 2.57 -20.81
C VAL A 150 -3.60 3.73 -21.79
N ALA A 151 -4.69 3.97 -22.51
CA ALA A 151 -4.80 5.10 -23.43
C ALA A 151 -6.23 5.61 -23.40
N GLN A 152 -6.60 6.26 -22.30
CA GLN A 152 -7.98 6.71 -22.11
C GLN A 152 -8.51 7.32 -23.40
N PRO A 153 -9.76 6.98 -23.75
CA PRO A 153 -10.70 6.27 -22.89
C PRO A 153 -10.53 4.75 -22.86
N PHE A 154 -9.46 4.21 -23.44
CA PHE A 154 -9.32 2.75 -23.52
C PHE A 154 -8.16 2.18 -22.71
N VAL A 155 -8.29 0.90 -22.39
CA VAL A 155 -7.13 0.07 -22.04
C VAL A 155 -7.04 -1.00 -23.10
N VAL A 156 -5.82 -1.29 -23.54
CA VAL A 156 -5.59 -2.39 -24.47
C VAL A 156 -5.01 -3.56 -23.69
N LEU A 157 -5.72 -4.69 -23.74
CA LEU A 157 -5.35 -5.89 -22.98
C LEU A 157 -4.69 -6.88 -23.93
N GLY A 158 -3.46 -7.26 -23.62
CA GLY A 158 -2.72 -8.18 -24.47
C GLY A 158 -2.47 -9.52 -23.82
N VAL A 159 -2.66 -10.60 -24.58
CA VAL A 159 -2.44 -11.95 -24.07
C VAL A 159 -1.50 -12.72 -24.99
N GLY A 160 -0.46 -13.29 -24.41
CA GLY A 160 0.39 -14.23 -25.11
C GLY A 160 0.28 -15.57 -24.42
N LEU A 161 -0.36 -16.54 -25.07
CA LEU A 161 -0.60 -17.84 -24.46
C LEU A 161 0.13 -18.92 -25.23
N ASN A 162 1.04 -19.61 -24.54
CA ASN A 162 1.83 -20.67 -25.17
C ASN A 162 1.01 -21.93 -25.35
N VAL A 163 0.67 -22.25 -26.60
CA VAL A 163 -0.15 -23.41 -26.89
C VAL A 163 0.72 -24.62 -27.21
N THR A 164 1.55 -24.51 -28.25
CA THR A 164 2.53 -25.54 -28.58
C THR A 164 3.95 -24.98 -28.55
N GLN A 165 4.09 -23.72 -28.14
CA GLN A 165 5.38 -23.06 -28.10
C GLN A 165 6.33 -23.78 -27.14
N ALA A 166 7.49 -24.19 -27.65
CA ALA A 166 8.49 -24.87 -26.83
C ALA A 166 9.33 -23.84 -26.07
N PRO A 167 9.63 -24.14 -24.79
CA PRO A 167 10.48 -23.22 -24.02
C PRO A 167 11.76 -22.90 -24.76
N GLU A 168 12.33 -23.87 -25.46
CA GLU A 168 13.58 -23.65 -26.19
C GLU A 168 13.44 -22.59 -27.27
N GLU A 169 12.20 -22.31 -27.69
CA GLU A 169 11.94 -21.34 -28.73
C GLU A 169 11.79 -19.91 -28.21
N VAL A 170 11.48 -19.76 -26.93
CA VAL A 170 11.10 -18.44 -26.42
C VAL A 170 11.74 -18.00 -25.09
N ASP A 171 11.81 -18.90 -24.12
CA ASP A 171 12.27 -18.54 -22.78
C ASP A 171 12.39 -19.77 -21.89
N PRO A 172 13.48 -19.85 -21.10
CA PRO A 172 13.75 -21.05 -20.29
C PRO A 172 12.74 -21.27 -19.17
N ASP A 173 11.99 -20.25 -18.79
CA ASP A 173 11.02 -20.37 -17.71
C ASP A 173 9.59 -20.53 -18.21
N ALA A 174 9.45 -20.67 -19.53
CA ALA A 174 8.14 -20.82 -20.14
C ALA A 174 7.67 -22.26 -20.11
N THR A 175 6.36 -22.44 -20.29
CA THR A 175 5.80 -23.75 -20.59
C THR A 175 4.68 -23.55 -21.59
N SER A 176 4.05 -24.65 -22.01
CA SER A 176 2.95 -24.58 -22.97
C SER A 176 1.97 -25.71 -22.69
N LEU A 177 0.81 -25.64 -23.30
CA LEU A 177 -0.18 -26.69 -23.13
C LEU A 177 0.39 -28.03 -23.58
N LEU A 178 1.11 -28.02 -24.70
CA LEU A 178 1.71 -29.24 -25.23
C LEU A 178 2.74 -29.81 -24.26
N ASP A 179 3.53 -28.94 -23.65
CA ASP A 179 4.54 -29.37 -22.69
C ASP A 179 3.92 -29.75 -21.35
N LEU A 180 2.62 -29.49 -21.21
CA LEU A 180 1.89 -29.91 -20.02
C LEU A 180 1.14 -31.20 -20.31
N GLY A 181 1.35 -31.75 -21.51
CA GLY A 181 0.79 -33.03 -21.85
C GLY A 181 -0.49 -33.00 -22.67
N VAL A 182 -0.90 -31.81 -23.11
CA VAL A 182 -2.03 -31.69 -24.01
C VAL A 182 -1.53 -31.97 -25.42
N ALA A 183 -1.88 -33.14 -25.95
CA ALA A 183 -1.24 -33.66 -27.16
C ALA A 183 -1.55 -32.90 -28.45
N ALA A 184 -2.80 -32.49 -28.62
CA ALA A 184 -3.21 -31.79 -29.83
C ALA A 184 -4.14 -30.63 -29.53
N PRO A 185 -3.60 -29.57 -28.91
CA PRO A 185 -4.47 -28.45 -28.51
C PRO A 185 -5.04 -27.76 -29.74
N ASP A 186 -6.32 -27.40 -29.66
CA ASP A 186 -7.00 -26.76 -30.76
C ASP A 186 -7.09 -25.26 -30.51
N ARG A 187 -6.24 -24.49 -31.19
CA ARG A 187 -6.17 -23.05 -30.95
C ARG A 187 -7.47 -22.31 -31.24
N ASN A 188 -8.20 -22.79 -32.24
N ASN A 188 -8.22 -22.78 -32.23
CA ASN A 188 -9.49 -22.22 -32.58
CA ASN A 188 -9.49 -22.14 -32.54
C ASN A 188 -10.46 -22.31 -31.41
C ASN A 188 -10.49 -22.30 -31.41
N ARG A 189 -10.58 -23.51 -30.84
CA ARG A 189 -11.47 -23.75 -29.72
C ARG A 189 -10.99 -22.97 -28.49
N ILE A 190 -9.68 -22.97 -28.27
CA ILE A 190 -9.14 -22.27 -27.11
C ILE A 190 -9.35 -20.76 -27.23
N ALA A 191 -9.10 -20.23 -28.42
CA ALA A 191 -9.30 -18.80 -28.67
C ALA A 191 -10.74 -18.38 -28.39
N SER A 192 -11.69 -19.19 -28.84
CA SER A 192 -13.10 -18.89 -28.61
C SER A 192 -13.45 -18.92 -27.14
N ARG A 193 -12.99 -19.95 -26.43
CA ARG A 193 -13.25 -20.05 -25.00
C ARG A 193 -12.59 -18.90 -24.24
N LEU A 194 -11.37 -18.55 -24.63
CA LEU A 194 -10.65 -17.46 -23.98
C LEU A 194 -11.42 -16.16 -24.09
N LEU A 195 -11.87 -15.84 -25.30
CA LEU A 195 -12.56 -14.58 -25.53
C LEU A 195 -13.93 -14.53 -24.85
N ARG A 196 -14.59 -15.68 -24.74
CA ARG A 196 -15.84 -15.73 -24.01
C ARG A 196 -15.62 -15.53 -22.51
N GLU A 197 -14.58 -16.17 -21.97
CA GLU A 197 -14.24 -15.96 -20.56
C GLU A 197 -13.87 -14.51 -20.33
N LEU A 198 -13.12 -13.93 -21.26
CA LEU A 198 -12.65 -12.56 -21.12
C LEU A 198 -13.81 -11.57 -21.10
N GLU A 199 -14.78 -11.77 -22.00
CA GLU A 199 -15.97 -10.91 -22.00
C GLU A 199 -16.66 -10.91 -20.65
N ALA A 200 -16.87 -12.10 -20.08
CA ALA A 200 -17.55 -12.22 -18.80
C ALA A 200 -16.79 -11.50 -17.69
N ARG A 201 -15.48 -11.67 -17.66
CA ARG A 201 -14.67 -11.03 -16.62
C ARG A 201 -14.64 -9.51 -16.77
N ILE A 202 -14.66 -9.03 -18.01
CA ILE A 202 -14.68 -7.59 -18.26
C ILE A 202 -16.01 -6.99 -17.78
N ILE A 203 -17.10 -7.70 -18.03
CA ILE A 203 -18.41 -7.27 -17.57
C ILE A 203 -18.44 -7.23 -16.04
N GLN A 204 -17.90 -8.28 -15.41
CA GLN A 204 -17.83 -8.32 -13.96
C GLN A 204 -17.02 -7.15 -13.42
N TRP A 205 -15.87 -6.89 -14.04
CA TRP A 205 -15.02 -5.78 -13.64
C TRP A 205 -15.75 -4.45 -13.76
N ARG A 206 -16.40 -4.24 -14.90
CA ARG A 206 -17.10 -2.99 -15.16
C ARG A 206 -18.19 -2.72 -14.11
N ASN A 207 -18.76 -3.80 -13.57
CA ASN A 207 -19.85 -3.68 -12.61
C ASN A 207 -19.43 -3.96 -11.17
N ALA A 208 -18.12 -4.02 -10.95
CA ALA A 208 -17.58 -4.26 -9.61
C ALA A 208 -18.18 -5.49 -8.94
N ASN A 209 -18.38 -6.55 -9.72
CA ASN A 209 -18.88 -7.80 -9.18
C ASN A 209 -17.85 -8.43 -8.25
N PRO A 210 -18.21 -8.66 -6.99
N PRO A 210 -18.22 -8.69 -7.00
CA PRO A 210 -17.28 -9.24 -6.01
CA PRO A 210 -17.29 -9.24 -6.01
C PRO A 210 -16.75 -10.61 -6.42
C PRO A 210 -16.77 -10.62 -6.40
N GLN A 211 -17.47 -11.31 -7.31
CA GLN A 211 -17.04 -12.64 -7.72
C GLN A 211 -15.71 -12.63 -8.46
N LEU A 212 -15.41 -11.51 -9.11
CA LEU A 212 -14.13 -11.37 -9.82
C LEU A 212 -12.96 -11.53 -8.86
N ALA A 213 -12.95 -10.73 -7.80
CA ALA A 213 -11.91 -10.81 -6.78
C ALA A 213 -11.91 -12.17 -6.11
N ALA A 214 -13.09 -12.69 -5.83
CA ALA A 214 -13.20 -13.99 -5.18
C ALA A 214 -12.61 -15.11 -6.03
N ASP A 215 -12.96 -15.13 -7.31
CA ASP A 215 -12.42 -16.14 -8.23
C ASP A 215 -10.92 -15.96 -8.43
N TYR A 216 -10.46 -14.71 -8.47
CA TYR A 216 -9.02 -14.47 -8.61
C TYR A 216 -8.28 -15.04 -7.40
N ARG A 217 -8.79 -14.76 -6.20
CA ARG A 217 -8.16 -15.25 -4.98
C ARG A 217 -8.07 -16.76 -4.97
N ALA A 218 -9.11 -17.43 -5.48
CA ALA A 218 -9.17 -18.88 -5.48
C ALA A 218 -8.08 -19.50 -6.34
N ARG A 219 -7.57 -18.75 -7.31
CA ARG A 219 -6.58 -19.26 -8.24
C ARG A 219 -5.20 -18.65 -8.02
N SER A 220 -5.07 -17.84 -6.99
CA SER A 220 -3.80 -17.16 -6.72
C SER A 220 -2.75 -18.10 -6.17
N LEU A 221 -1.59 -18.14 -6.82
CA LEU A 221 -0.45 -18.89 -6.33
C LEU A 221 0.41 -18.00 -5.43
N THR A 222 0.14 -16.69 -5.49
CA THR A 222 0.95 -15.71 -4.77
C THR A 222 0.46 -15.48 -3.33
N ILE A 223 -0.84 -15.28 -3.16
CA ILE A 223 -1.39 -15.07 -1.84
C ILE A 223 -1.06 -16.23 -0.91
N GLY A 224 -0.45 -15.91 0.23
CA GLY A 224 -0.08 -16.92 1.21
C GLY A 224 1.34 -17.43 1.03
N SER A 225 2.00 -17.02 -0.05
CA SER A 225 3.34 -17.48 -0.35
CA SER A 225 3.34 -17.48 -0.36
C SER A 225 4.41 -16.52 0.13
N ARG A 226 5.56 -17.06 0.55
CA ARG A 226 6.73 -16.24 0.80
C ARG A 226 7.15 -15.74 -0.57
N VAL A 227 7.46 -14.46 -0.68
CA VAL A 227 7.84 -13.91 -1.97
C VAL A 227 8.99 -12.93 -1.88
N ARG A 228 9.76 -12.86 -2.96
CA ARG A 228 10.66 -11.73 -3.18
C ARG A 228 10.05 -10.90 -4.31
N VAL A 229 9.83 -9.62 -4.06
CA VAL A 229 9.28 -8.75 -5.09
C VAL A 229 10.32 -7.78 -5.58
N GLU A 230 10.63 -7.84 -6.87
N GLU A 230 10.67 -7.89 -6.86
CA GLU A 230 11.63 -6.96 -7.44
CA GLU A 230 11.58 -6.96 -7.50
C GLU A 230 10.97 -5.71 -8.03
C GLU A 230 10.79 -5.74 -7.91
N LEU A 231 11.13 -4.59 -7.32
CA LEU A 231 10.42 -3.36 -7.61
C LEU A 231 11.01 -2.59 -8.79
N PRO A 232 10.17 -1.78 -9.46
CA PRO A 232 10.70 -0.88 -10.49
C PRO A 232 11.81 -0.06 -9.85
N GLY A 233 12.97 0.01 -10.51
CA GLY A 233 14.08 0.76 -9.95
C GLY A 233 15.16 -0.13 -9.35
N GLY A 234 14.86 -1.42 -9.20
CA GLY A 234 15.87 -2.40 -8.83
C GLY A 234 15.88 -2.91 -7.40
N GLN A 235 15.08 -2.31 -6.52
CA GLN A 235 15.03 -2.76 -5.12
C GLN A 235 14.23 -4.05 -4.95
N ASP A 236 14.65 -4.87 -4.00
CA ASP A 236 13.95 -6.10 -3.66
C ASP A 236 13.31 -5.97 -2.28
N VAL A 237 12.10 -6.51 -2.15
CA VAL A 237 11.47 -6.61 -0.85
C VAL A 237 11.04 -8.06 -0.63
N VAL A 238 11.41 -8.61 0.52
CA VAL A 238 11.03 -9.98 0.85
C VAL A 238 9.97 -9.97 1.93
N GLY A 239 8.92 -10.75 1.74
CA GLY A 239 7.86 -10.85 2.72
C GLY A 239 6.90 -11.98 2.39
N ILE A 240 5.70 -11.90 2.93
CA ILE A 240 4.67 -12.90 2.66
C ILE A 240 3.46 -12.19 2.05
N ALA A 241 3.03 -12.63 0.88
CA ALA A 241 1.88 -12.02 0.24
C ALA A 241 0.61 -12.40 0.98
N ARG A 242 -0.22 -11.41 1.30
CA ARG A 242 -1.42 -11.66 2.10
C ARG A 242 -2.72 -11.39 1.35
N ASP A 243 -2.72 -10.40 0.46
CA ASP A 243 -3.95 -9.97 -0.17
C ASP A 243 -3.72 -9.09 -1.40
N ILE A 244 -4.79 -8.85 -2.14
CA ILE A 244 -4.80 -7.88 -3.22
C ILE A 244 -5.81 -6.80 -2.86
N ASP A 245 -5.42 -5.54 -2.89
CA ASP A 245 -6.34 -4.49 -2.49
C ASP A 245 -7.30 -4.12 -3.63
N ASP A 246 -8.16 -3.14 -3.39
CA ASP A 246 -9.20 -2.80 -4.36
C ASP A 246 -8.65 -2.05 -5.57
N GLN A 247 -7.35 -1.79 -5.57
CA GLN A 247 -6.69 -1.18 -6.73
C GLN A 247 -5.91 -2.23 -7.50
N GLY A 248 -5.98 -3.48 -7.04
CA GLY A 248 -5.29 -4.57 -7.68
C GLY A 248 -3.83 -4.62 -7.27
N ARG A 249 -3.52 -3.99 -6.14
CA ARG A 249 -2.14 -3.93 -5.66
C ARG A 249 -1.87 -5.07 -4.70
N LEU A 250 -0.62 -5.55 -4.69
CA LEU A 250 -0.23 -6.68 -3.85
C LEU A 250 0.11 -6.22 -2.44
N CYS A 251 -0.54 -6.82 -1.45
CA CYS A 251 -0.30 -6.48 -0.06
C CYS A 251 0.64 -7.49 0.60
N LEU A 252 1.78 -7.00 1.08
CA LEU A 252 2.80 -7.86 1.66
C LEU A 252 2.87 -7.72 3.17
N ASP A 253 3.16 -8.83 3.85
CA ASP A 253 3.50 -8.80 5.26
C ASP A 253 5.02 -8.83 5.35
N VAL A 254 5.61 -7.72 5.80
CA VAL A 254 7.06 -7.65 5.98
C VAL A 254 7.38 -7.51 7.46
N GLY A 255 7.55 -8.64 8.12
CA GLY A 255 7.86 -8.66 9.55
C GLY A 255 6.84 -7.94 10.39
N GLY A 256 5.57 -8.02 10.00
CA GLY A 256 4.49 -7.41 10.74
C GLY A 256 4.07 -6.07 10.19
N ARG A 257 4.80 -5.56 9.20
CA ARG A 257 4.46 -4.30 8.56
C ARG A 257 3.79 -4.60 7.23
N THR A 258 2.88 -3.73 6.82
CA THR A 258 2.22 -3.88 5.53
C THR A 258 2.92 -3.04 4.47
N VAL A 259 3.31 -3.68 3.37
CA VAL A 259 3.88 -2.97 2.24
C VAL A 259 3.03 -3.28 1.03
N VAL A 260 2.45 -2.24 0.43
CA VAL A 260 1.59 -2.39 -0.73
C VAL A 260 2.34 -2.02 -2.01
N VAL A 261 2.38 -2.95 -2.95
CA VAL A 261 3.11 -2.70 -4.20
CA VAL A 261 3.12 -2.78 -4.20
C VAL A 261 2.17 -2.66 -5.39
N SER A 262 2.35 -1.64 -6.21
CA SER A 262 1.49 -1.44 -7.37
CA SER A 262 1.51 -1.40 -7.38
C SER A 262 2.03 -2.17 -8.60
N ALA A 263 3.34 -2.34 -8.65
CA ALA A 263 3.98 -3.02 -9.77
C ALA A 263 5.28 -3.66 -9.31
N GLY A 264 5.59 -4.81 -9.88
CA GLY A 264 6.80 -5.52 -9.52
C GLY A 264 6.81 -6.93 -10.07
N ASP A 265 7.98 -7.58 -9.99
CA ASP A 265 8.11 -8.95 -10.43
C ASP A 265 8.16 -9.86 -9.22
N VAL A 266 7.23 -10.80 -9.14
CA VAL A 266 7.15 -11.69 -7.99
C VAL A 266 7.89 -13.00 -8.23
N VAL A 267 8.68 -13.40 -7.23
CA VAL A 267 9.27 -14.72 -7.21
C VAL A 267 8.74 -15.46 -5.99
N HIS A 268 8.15 -16.62 -6.20
CA HIS A 268 7.65 -17.42 -5.10
C HIS A 268 8.79 -18.20 -4.46
N LEU A 269 8.96 -18.02 -3.16
CA LEU A 269 10.06 -18.64 -2.42
C LEU A 269 9.58 -19.85 -1.62
N ARG A 270 10.52 -20.72 -1.26
CA ARG A 270 10.19 -21.86 -0.42
C ARG A 270 9.77 -21.39 0.96
N ARG B 8 20.46 20.47 35.76
CA ARG B 8 19.21 20.99 35.23
C ARG B 8 18.06 20.81 36.23
N ASP B 9 18.40 20.31 37.41
CA ASP B 9 17.41 20.10 38.47
C ASP B 9 16.71 21.40 38.85
N ARG B 10 17.48 22.48 38.90
CA ARG B 10 16.93 23.80 39.25
C ARG B 10 15.87 24.24 38.26
N LEU B 11 15.89 23.64 37.06
CA LEU B 11 14.95 23.97 36.01
C LEU B 11 13.77 23.01 35.98
N ARG B 12 13.65 22.18 37.01
CA ARG B 12 12.64 21.12 37.02
C ARG B 12 11.69 21.14 38.21
N PRO B 13 10.92 22.23 38.36
CA PRO B 13 9.86 22.26 39.37
C PRO B 13 8.81 21.19 39.06
N PRO B 14 8.09 20.72 40.09
CA PRO B 14 7.07 19.70 39.84
C PRO B 14 5.88 20.30 39.13
N LEU B 15 5.06 19.44 38.52
CA LEU B 15 3.81 19.88 37.92
C LEU B 15 2.82 20.27 39.01
N ASP B 16 1.93 21.20 38.68
CA ASP B 16 0.89 21.63 39.61
C ASP B 16 -0.42 21.02 39.17
N GLU B 17 -0.79 19.88 39.76
CA GLU B 17 -1.98 19.16 39.36
C GLU B 17 -3.25 20.00 39.53
N ARG B 18 -3.34 20.68 40.67
CA ARG B 18 -4.51 21.50 40.97
C ARG B 18 -4.70 22.60 39.93
N SER B 19 -3.61 23.25 39.56
CA SER B 19 -3.65 24.31 38.56
C SER B 19 -4.13 23.79 37.21
N LEU B 20 -3.58 22.66 36.79
CA LEU B 20 -3.98 22.05 35.53
C LEU B 20 -5.47 21.70 35.53
N ARG B 21 -5.95 21.15 36.64
CA ARG B 21 -7.37 20.83 36.77
C ARG B 21 -8.23 22.08 36.67
N ASP B 22 -7.86 23.12 37.42
CA ASP B 22 -8.60 24.37 37.40
C ASP B 22 -8.69 24.94 35.99
N GLN B 23 -7.58 24.91 35.27
CA GLN B 23 -7.51 25.54 33.96
C GLN B 23 -8.22 24.73 32.88
N LEU B 24 -8.15 23.40 33.00
CA LEU B 24 -8.54 22.53 31.89
C LEU B 24 -9.84 21.75 32.09
N ILE B 25 -10.02 21.18 33.28
CA ILE B 25 -11.02 20.13 33.46
C ILE B 25 -12.42 20.67 33.69
N GLY B 26 -13.26 20.52 32.67
CA GLY B 26 -14.60 21.08 32.70
C GLY B 26 -14.58 22.58 32.48
N ALA B 27 -13.41 23.10 32.13
CA ALA B 27 -13.22 24.54 32.00
C ALA B 27 -12.68 24.94 30.62
N GLY B 28 -11.37 25.14 30.54
CA GLY B 28 -10.74 25.55 29.30
C GLY B 28 -10.63 24.44 28.26
N SER B 29 -11.14 23.25 28.61
CA SER B 29 -11.10 22.13 27.69
C SER B 29 -12.21 21.13 27.96
N GLY B 30 -12.37 20.18 27.04
CA GLY B 30 -13.35 19.13 27.20
C GLY B 30 -12.83 17.89 27.93
N TRP B 31 -11.56 17.93 28.34
CA TRP B 31 -11.00 16.85 29.17
C TRP B 31 -11.77 16.77 30.47
N ARG B 32 -12.07 15.55 30.93
CA ARG B 32 -12.99 15.38 32.05
C ARG B 32 -12.34 14.83 33.32
N GLN B 33 -11.08 14.40 33.22
CA GLN B 33 -10.35 13.93 34.39
C GLN B 33 -8.87 14.08 34.15
N LEU B 34 -8.15 14.53 35.16
CA LEU B 34 -6.72 14.70 35.05
C LEU B 34 -6.03 14.34 36.36
N ASP B 35 -5.02 13.48 36.25
CA ASP B 35 -4.22 13.08 37.40
C ASP B 35 -2.75 13.17 37.07
N VAL B 36 -1.96 13.63 38.02
CA VAL B 36 -0.52 13.60 37.90
C VAL B 36 0.00 12.61 38.93
N VAL B 37 0.79 11.65 38.47
CA VAL B 37 1.42 10.70 39.38
C VAL B 37 2.92 10.97 39.39
N ALA B 38 3.54 10.75 40.54
CA ALA B 38 4.97 11.00 40.68
C ALA B 38 5.78 10.04 39.82
N GLN B 39 5.35 8.78 39.77
CA GLN B 39 6.10 7.75 39.07
C GLN B 39 5.23 6.55 38.69
N THR B 40 5.47 6.01 37.50
CA THR B 40 4.77 4.82 37.06
C THR B 40 5.61 4.13 35.98
N GLY B 41 5.21 2.93 35.59
CA GLY B 41 5.93 2.19 34.57
C GLY B 41 5.71 2.82 33.20
N SER B 42 4.44 2.98 32.85
CA SER B 42 4.06 3.57 31.57
C SER B 42 2.65 4.12 31.68
N THR B 43 2.47 5.39 31.32
CA THR B 43 1.16 6.01 31.38
C THR B 43 0.21 5.37 30.37
N ASN B 44 0.75 4.93 29.24
CA ASN B 44 -0.05 4.21 28.26
C ASN B 44 -0.56 2.90 28.86
N ALA B 45 0.34 2.14 29.46
CA ALA B 45 -0.04 0.89 30.12
C ALA B 45 -1.15 1.12 31.14
N ASP B 46 -1.01 2.18 31.94
CA ASP B 46 -1.96 2.48 33.00
C ASP B 46 -3.37 2.74 32.47
N LEU B 47 -3.49 3.56 31.44
CA LEU B 47 -4.80 3.86 30.88
C LEU B 47 -5.40 2.64 30.20
N LEU B 48 -4.57 1.89 29.50
CA LEU B 48 -5.03 0.66 28.88
C LEU B 48 -5.62 -0.29 29.93
N ALA B 49 -4.96 -0.35 31.08
CA ALA B 49 -5.41 -1.22 32.17
C ALA B 49 -6.75 -0.75 32.73
N ARG B 50 -6.94 0.56 32.83
CA ARG B 50 -8.20 1.11 33.29
C ARG B 50 -9.32 0.69 32.35
N ALA B 51 -9.08 0.83 31.05
CA ALA B 51 -10.05 0.42 30.05
C ALA B 51 -10.38 -1.05 30.21
N ALA B 52 -9.34 -1.88 30.32
CA ALA B 52 -9.50 -3.32 30.45
C ALA B 52 -10.34 -3.70 31.68
N SER B 53 -10.29 -2.86 32.71
CA SER B 53 -11.04 -3.12 33.94
C SER B 53 -12.48 -2.64 33.82
N GLY B 54 -12.81 -2.02 32.69
CA GLY B 54 -14.17 -1.60 32.43
C GLY B 54 -14.44 -0.13 32.69
N ALA B 55 -13.38 0.63 32.98
CA ALA B 55 -13.53 2.07 33.16
C ALA B 55 -13.53 2.78 31.80
N ASP B 56 -14.43 3.74 31.64
CA ASP B 56 -14.45 4.53 30.41
C ASP B 56 -13.37 5.59 30.49
N ILE B 57 -12.41 5.53 29.57
CA ILE B 57 -11.27 6.44 29.61
C ILE B 57 -11.35 7.60 28.61
N ASP B 58 -12.49 7.74 27.92
CA ASP B 58 -12.64 8.84 26.98
C ASP B 58 -12.54 10.17 27.73
N GLY B 59 -11.63 11.02 27.29
CA GLY B 59 -11.46 12.34 27.88
C GLY B 59 -10.66 12.33 29.16
N VAL B 60 -10.03 11.20 29.47
CA VAL B 60 -9.23 11.07 30.68
C VAL B 60 -7.75 11.33 30.43
N VAL B 61 -7.12 12.10 31.32
CA VAL B 61 -5.72 12.47 31.17
C VAL B 61 -4.88 11.95 32.32
N LEU B 62 -3.75 11.33 31.98
CA LEU B 62 -2.81 10.87 33.00
C LEU B 62 -1.42 11.39 32.67
N ILE B 63 -0.82 12.10 33.63
CA ILE B 63 0.52 12.65 33.46
C ILE B 63 1.43 12.09 34.54
N ALA B 64 2.64 11.70 34.14
CA ALA B 64 3.62 11.17 35.10
C ALA B 64 4.87 12.03 35.14
N GLU B 65 5.31 12.38 36.35
CA GLU B 65 6.54 13.14 36.54
C GLU B 65 7.74 12.33 36.07
N HIS B 66 7.68 11.02 36.31
CA HIS B 66 8.72 10.12 35.89
C HIS B 66 8.12 8.80 35.41
N GLN B 67 8.78 8.19 34.42
CA GLN B 67 8.28 6.97 33.83
C GLN B 67 9.46 6.02 33.66
N THR B 68 9.37 4.85 34.30
CA THR B 68 10.52 3.95 34.43
C THR B 68 10.53 2.82 33.41
N ALA B 69 9.37 2.50 32.85
CA ALA B 69 9.26 1.42 31.87
C ALA B 69 8.51 1.90 30.63
N GLY B 70 8.97 3.02 30.08
CA GLY B 70 8.31 3.67 28.96
C GLY B 70 8.22 2.78 27.74
N ARG B 71 7.18 3.02 26.94
CA ARG B 71 6.96 2.28 25.71
C ARG B 71 7.18 3.16 24.48
N GLY B 72 7.94 2.62 23.52
CA GLY B 72 8.07 3.24 22.22
C GLY B 72 7.36 2.35 21.22
N ARG B 73 7.37 2.73 19.95
CA ARG B 73 6.70 1.91 18.95
C ARG B 73 7.53 0.69 18.56
N HIS B 74 6.85 -0.34 18.08
CA HIS B 74 7.51 -1.53 17.57
CA HIS B 74 7.49 -1.54 17.57
C HIS B 74 8.38 -2.22 18.62
N GLY B 75 7.88 -2.28 19.84
CA GLY B 75 8.57 -2.98 20.92
C GLY B 75 9.71 -2.23 21.56
N ARG B 76 10.00 -1.05 21.04
CA ARG B 76 11.09 -0.24 21.59
C ARG B 76 10.64 0.43 22.88
N GLY B 77 11.59 1.05 23.58
CA GLY B 77 11.29 1.71 24.83
C GLY B 77 11.22 3.22 24.69
N TRP B 78 10.97 3.88 25.81
CA TRP B 78 11.07 5.33 25.89
C TRP B 78 11.72 5.65 27.21
N ALA B 79 12.77 6.46 27.19
CA ALA B 79 13.53 6.75 28.39
C ALA B 79 13.22 8.14 28.93
N ALA B 80 13.31 8.30 30.25
CA ALA B 80 13.02 9.59 30.86
C ALA B 80 13.81 9.82 32.14
N THR B 81 14.04 11.09 32.44
CA THR B 81 14.54 11.52 33.73
C THR B 81 13.37 12.22 34.42
N ALA B 82 13.27 12.08 35.73
CA ALA B 82 12.15 12.66 36.46
C ALA B 82 12.01 14.16 36.25
N ARG B 83 10.78 14.58 35.93
CA ARG B 83 10.46 16.00 35.77
CA ARG B 83 10.45 16.00 35.77
C ARG B 83 11.15 16.67 34.58
N ALA B 84 11.80 15.87 33.73
CA ALA B 84 12.50 16.41 32.58
C ALA B 84 11.62 16.47 31.32
N GLN B 85 10.51 15.74 31.36
CA GLN B 85 9.59 15.69 30.22
C GLN B 85 8.18 16.01 30.65
N ILE B 86 7.34 16.27 29.66
CA ILE B 86 5.90 16.13 29.83
C ILE B 86 5.55 14.74 29.30
N ILE B 87 5.15 13.88 30.22
CA ILE B 87 4.86 12.49 29.89
C ILE B 87 3.37 12.25 30.16
N LEU B 88 2.59 12.12 29.10
CA LEU B 88 1.15 11.97 29.30
C LEU B 88 0.47 11.02 28.32
N SER B 89 -0.66 10.47 28.77
CA SER B 89 -1.52 9.68 27.91
C SER B 89 -2.93 10.20 28.07
N VAL B 90 -3.68 10.20 26.97
CA VAL B 90 -5.08 10.58 27.01
C VAL B 90 -5.93 9.46 26.40
N GLY B 91 -7.17 9.34 26.87
CA GLY B 91 -8.09 8.34 26.34
C GLY B 91 -9.03 8.93 25.32
N VAL B 92 -9.24 8.20 24.23
CA VAL B 92 -10.10 8.66 23.14
C VAL B 92 -11.03 7.54 22.67
N ARG B 93 -12.34 7.76 22.77
CA ARG B 93 -13.28 6.80 22.20
C ARG B 93 -13.25 6.92 20.68
N VAL B 94 -12.97 5.81 20.01
CA VAL B 94 -12.77 5.84 18.57
C VAL B 94 -13.75 4.96 17.82
N VAL B 95 -14.53 4.18 18.56
CA VAL B 95 -15.37 3.14 17.97
C VAL B 95 -16.36 3.66 16.92
N ASP B 96 -16.70 4.93 17.00
CA ASP B 96 -17.67 5.51 16.06
C ASP B 96 -17.00 6.15 14.85
N VAL B 97 -15.69 5.93 14.72
CA VAL B 97 -14.93 6.39 13.57
C VAL B 97 -14.41 5.17 12.82
N PRO B 98 -14.49 5.18 11.49
CA PRO B 98 -14.03 4.04 10.69
C PRO B 98 -12.62 3.62 11.08
N VAL B 99 -12.40 2.32 11.25
CA VAL B 99 -11.12 1.80 11.73
C VAL B 99 -9.95 2.27 10.88
N GLN B 100 -10.16 2.39 9.58
CA GLN B 100 -9.09 2.79 8.67
C GLN B 100 -8.50 4.15 9.03
N ALA B 101 -9.29 5.00 9.68
CA ALA B 101 -8.86 6.36 9.97
C ALA B 101 -8.12 6.49 11.30
N TRP B 102 -8.14 5.43 12.11
CA TRP B 102 -7.53 5.47 13.44
C TRP B 102 -6.05 5.82 13.37
N GLY B 103 -5.41 5.46 12.25
CA GLY B 103 -3.99 5.71 12.08
C GLY B 103 -3.64 7.18 12.07
N TRP B 104 -4.64 8.03 11.88
CA TRP B 104 -4.40 9.47 11.80
C TRP B 104 -4.37 10.17 13.16
N LEU B 105 -4.76 9.44 14.21
CA LEU B 105 -4.74 10.00 15.56
C LEU B 105 -3.32 10.33 16.01
N SER B 106 -2.41 9.39 15.80
CA SER B 106 -1.01 9.61 16.16
CA SER B 106 -1.01 9.59 16.14
C SER B 106 -0.44 10.80 15.41
N LEU B 107 -0.78 10.91 14.12
CA LEU B 107 -0.33 12.02 13.30
C LEU B 107 -0.90 13.34 13.81
N ALA B 108 -2.17 13.31 14.18
CA ALA B 108 -2.84 14.49 14.75
C ALA B 108 -2.16 14.94 16.04
N ALA B 109 -1.80 13.97 16.87
CA ALA B 109 -1.12 14.27 18.14
C ALA B 109 0.23 14.93 17.89
N GLY B 110 0.93 14.50 16.85
CA GLY B 110 2.18 15.11 16.47
C GLY B 110 2.04 16.59 16.15
N LEU B 111 1.00 16.92 15.39
CA LEU B 111 0.71 18.31 15.08
C LEU B 111 0.42 19.12 16.34
N ALA B 112 -0.34 18.53 17.26
CA ALA B 112 -0.67 19.20 18.51
C ALA B 112 0.59 19.55 19.31
N VAL B 113 1.52 18.61 19.40
CA VAL B 113 2.78 18.86 20.09
C VAL B 113 3.54 19.98 19.40
N LEU B 114 3.70 19.87 18.10
CA LEU B 114 4.41 20.87 17.31
C LEU B 114 3.84 22.27 17.54
N ASP B 115 2.52 22.39 17.48
CA ASP B 115 1.87 23.68 17.66
C ASP B 115 2.02 24.20 19.08
N SER B 116 2.07 23.30 20.06
CA SER B 116 2.17 23.70 21.45
CA SER B 116 2.17 23.68 21.45
C SER B 116 3.52 24.31 21.78
N VAL B 117 4.57 23.85 21.11
CA VAL B 117 5.93 24.31 21.40
C VAL B 117 6.51 25.29 20.39
N ALA B 118 6.40 24.97 19.10
CA ALA B 118 7.00 25.77 18.03
C ALA B 118 7.08 27.27 18.34
N PRO B 119 6.01 27.84 18.92
CA PRO B 119 6.02 29.23 19.39
C PRO B 119 7.16 29.56 20.36
N LEU B 120 7.59 28.58 21.16
CA LEU B 120 8.62 28.80 22.17
C LEU B 120 10.02 28.86 21.57
N ILE B 121 10.24 28.11 20.49
CA ILE B 121 11.57 27.90 19.96
C ILE B 121 11.95 28.92 18.87
N ALA B 122 13.17 29.44 18.98
CA ALA B 122 13.68 30.44 18.03
C ALA B 122 14.48 29.77 16.92
N VAL B 123 13.84 28.85 16.21
CA VAL B 123 14.51 28.09 15.17
C VAL B 123 13.64 27.98 13.92
N ALA B 126 12.25 25.46 10.04
CA ALA B 126 12.56 24.84 8.75
C ALA B 126 13.14 23.44 8.95
N GLU B 127 13.88 23.27 10.03
CA GLU B 127 14.41 21.96 10.42
C GLU B 127 13.50 21.36 11.47
N THR B 128 12.39 22.04 11.73
CA THR B 128 11.44 21.59 12.73
C THR B 128 10.09 21.32 12.07
N GLY B 129 9.48 20.22 12.47
CA GLY B 129 8.25 19.76 11.87
C GLY B 129 8.05 18.31 12.22
N LEU B 130 7.31 17.59 11.40
CA LEU B 130 6.95 16.22 11.72
C LEU B 130 7.66 15.20 10.82
N LYS B 131 8.24 14.19 11.44
CA LYS B 131 8.77 13.06 10.68
C LYS B 131 7.87 11.85 10.89
N TRP B 132 7.32 11.35 9.78
CA TRP B 132 6.44 10.18 9.81
C TRP B 132 7.19 8.97 10.38
N PRO B 133 6.52 8.15 11.22
CA PRO B 133 5.12 8.23 11.64
C PRO B 133 4.87 8.68 13.08
N ASN B 134 5.97 8.87 13.84
N ASN B 134 5.87 8.86 13.92
CA ASN B 134 5.96 9.10 15.29
CA ASN B 134 5.59 9.72 15.07
C ASN B 134 6.77 10.29 15.87
C ASN B 134 6.76 10.29 15.82
N ASP B 135 7.47 11.08 15.05
CA ASP B 135 8.46 12.02 15.57
C ASP B 135 8.07 13.49 15.42
N VAL B 136 8.35 14.28 16.45
CA VAL B 136 8.38 15.73 16.31
C VAL B 136 9.84 16.14 16.35
N LEU B 137 10.31 16.76 15.27
CA LEU B 137 11.72 17.14 15.18
C LEU B 137 11.94 18.64 15.30
N ALA B 138 13.06 19.02 15.88
CA ALA B 138 13.50 20.40 15.89
C ALA B 138 15.01 20.41 15.74
N ARG B 139 15.52 21.18 14.78
CA ARG B 139 16.95 21.22 14.53
C ARG B 139 17.48 19.80 14.31
N GLY B 140 16.67 18.97 13.67
CA GLY B 140 17.05 17.62 13.33
C GLY B 140 16.98 16.63 14.46
N GLY B 141 16.72 17.11 15.67
CA GLY B 141 16.66 16.26 16.85
C GLY B 141 15.23 15.88 17.23
N LYS B 142 15.08 14.72 17.88
CA LYS B 142 13.76 14.25 18.27
C LYS B 142 13.30 14.91 19.56
N LEU B 143 12.37 15.85 19.41
CA LEU B 143 11.85 16.64 20.53
C LEU B 143 10.72 15.91 21.27
N ALA B 144 9.99 15.07 20.55
CA ALA B 144 8.89 14.33 21.14
C ALA B 144 8.58 13.04 20.38
N GLY B 145 8.12 12.02 21.11
CA GLY B 145 7.69 10.77 20.52
C GLY B 145 6.24 10.49 20.85
N ILE B 146 5.51 9.88 19.90
CA ILE B 146 4.08 9.65 20.04
CA ILE B 146 4.10 9.62 20.12
C ILE B 146 3.74 8.17 19.86
N LEU B 147 2.91 7.63 20.74
CA LEU B 147 2.50 6.23 20.64
C LEU B 147 1.01 6.06 20.90
N ALA B 148 0.29 5.59 19.89
CA ALA B 148 -1.14 5.29 20.01
C ALA B 148 -1.34 3.79 20.14
N GLU B 149 -2.07 3.38 21.17
CA GLU B 149 -2.36 1.96 21.38
C GLU B 149 -3.87 1.72 21.44
N VAL B 150 -4.30 0.64 20.79
CA VAL B 150 -5.72 0.35 20.67
C VAL B 150 -6.24 -0.55 21.79
N ALA B 151 -7.35 -0.15 22.36
CA ALA B 151 -8.09 -0.97 23.33
C ALA B 151 -9.57 -0.66 23.15
N GLN B 152 -10.15 -1.21 22.10
CA GLN B 152 -11.53 -0.91 21.71
C GLN B 152 -12.45 -0.89 22.93
N PRO B 153 -13.35 0.10 23.01
CA PRO B 153 -13.62 1.09 21.97
C PRO B 153 -12.72 2.33 22.05
N PHE B 154 -11.55 2.20 22.65
CA PHE B 154 -10.68 3.36 22.86
C PHE B 154 -9.36 3.24 22.13
N VAL B 155 -8.73 4.40 21.93
CA VAL B 155 -7.30 4.46 21.64
C VAL B 155 -6.66 5.23 22.79
N VAL B 156 -5.54 4.73 23.28
CA VAL B 156 -4.75 5.44 24.27
C VAL B 156 -3.62 6.16 23.54
N LEU B 157 -3.62 7.48 23.63
CA LEU B 157 -2.67 8.31 22.89
C LEU B 157 -1.62 8.85 23.85
N GLY B 158 -0.36 8.47 23.64
CA GLY B 158 0.72 8.81 24.55
C GLY B 158 1.74 9.75 23.95
N VAL B 159 2.14 10.74 24.74
CA VAL B 159 3.10 11.74 24.29
C VAL B 159 4.27 11.87 25.26
N GLY B 160 5.49 11.76 24.73
CA GLY B 160 6.68 12.03 25.51
C GLY B 160 7.37 13.24 24.93
N LEU B 161 7.34 14.35 25.66
CA LEU B 161 7.90 15.61 25.16
C LEU B 161 9.11 16.03 26.00
N ASN B 162 10.27 16.14 25.34
CA ASN B 162 11.50 16.53 26.02
C ASN B 162 11.53 18.02 26.32
N VAL B 163 11.43 18.37 27.59
CA VAL B 163 11.39 19.77 28.01
C VAL B 163 12.77 20.26 28.43
N THR B 164 13.33 19.63 29.46
CA THR B 164 14.70 19.91 29.88
C THR B 164 15.55 18.66 29.80
N GLN B 165 14.99 17.63 29.18
CA GLN B 165 15.65 16.33 29.05
C GLN B 165 16.94 16.44 28.27
N ALA B 166 18.04 16.01 28.89
CA ALA B 166 19.34 15.99 28.22
C ALA B 166 19.44 14.74 27.36
N PRO B 167 19.89 14.90 26.10
CA PRO B 167 20.08 13.78 25.18
C PRO B 167 20.95 12.70 25.81
N GLU B 168 21.98 13.13 26.55
CA GLU B 168 22.84 12.21 27.28
C GLU B 168 21.99 11.29 28.16
N GLU B 169 20.89 11.81 28.66
CA GLU B 169 20.06 11.09 29.62
C GLU B 169 19.11 10.08 28.97
N VAL B 170 18.85 10.22 27.67
CA VAL B 170 17.81 9.41 27.03
C VAL B 170 18.18 8.78 25.68
N ASP B 171 18.77 9.57 24.78
CA ASP B 171 19.09 9.10 23.43
C ASP B 171 19.94 10.14 22.71
N PRO B 172 20.93 9.70 21.94
CA PRO B 172 21.86 10.64 21.31
C PRO B 172 21.21 11.50 20.22
N ASP B 173 20.07 11.06 19.70
CA ASP B 173 19.40 11.80 18.64
C ASP B 173 18.30 12.69 19.20
N ALA B 174 18.19 12.72 20.52
CA ALA B 174 17.16 13.52 21.18
C ALA B 174 17.56 14.98 21.28
N THR B 175 16.55 15.84 21.42
CA THR B 175 16.77 17.23 21.78
C THR B 175 15.68 17.63 22.76
N SER B 176 15.74 18.84 23.28
CA SER B 176 14.73 19.30 24.22
C SER B 176 14.52 20.80 24.04
N LEU B 177 13.45 21.32 24.64
CA LEU B 177 13.19 22.75 24.56
C LEU B 177 14.36 23.54 25.14
N LEU B 178 14.88 23.08 26.27
CA LEU B 178 16.01 23.73 26.91
C LEU B 178 17.23 23.75 25.98
N ASP B 179 17.51 22.61 25.35
CA ASP B 179 18.63 22.51 24.43
C ASP B 179 18.40 23.32 23.16
N LEU B 180 17.14 23.64 22.88
CA LEU B 180 16.81 24.44 21.70
C LEU B 180 16.86 25.93 22.02
N GLY B 181 17.20 26.26 23.26
CA GLY B 181 17.40 27.65 23.64
C GLY B 181 16.30 28.27 24.46
N VAL B 182 15.28 27.48 24.82
CA VAL B 182 14.24 27.97 25.71
C VAL B 182 14.79 28.00 27.13
N ALA B 183 15.13 29.20 27.60
CA ALA B 183 15.89 29.38 28.84
C ALA B 183 15.31 28.68 30.07
N ALA B 184 14.01 28.85 30.30
CA ALA B 184 13.38 28.28 31.47
C ALA B 184 11.96 27.81 31.14
N PRO B 185 11.85 26.63 30.51
CA PRO B 185 10.55 26.12 30.09
C PRO B 185 9.61 25.95 31.28
N ASP B 186 8.36 26.36 31.10
CA ASP B 186 7.34 26.21 32.13
C ASP B 186 6.48 25.01 31.77
N ARG B 187 6.75 23.86 32.39
CA ARG B 187 6.06 22.63 32.04
C ARG B 187 4.55 22.72 32.27
N ASN B 188 4.13 23.43 33.30
CA ASN B 188 2.70 23.59 33.55
C ASN B 188 2.02 24.32 32.40
N ARG B 189 2.61 25.41 31.95
CA ARG B 189 2.04 26.19 30.85
C ARG B 189 2.07 25.41 29.55
N ILE B 190 3.15 24.68 29.32
CA ILE B 190 3.28 23.89 28.09
C ILE B 190 2.30 22.72 28.07
N ALA B 191 2.17 22.04 29.20
CA ALA B 191 1.23 20.93 29.31
C ALA B 191 -0.20 21.40 29.08
N SER B 192 -0.53 22.56 29.64
CA SER B 192 -1.87 23.11 29.49
C SER B 192 -2.15 23.42 28.02
N ARG B 193 -1.20 24.06 27.36
CA ARG B 193 -1.36 24.37 25.94
C ARG B 193 -1.43 23.09 25.12
N LEU B 194 -0.57 22.13 25.45
CA LEU B 194 -0.55 20.85 24.74
C LEU B 194 -1.91 20.16 24.80
N LEU B 195 -2.51 20.16 25.98
CA LEU B 195 -3.79 19.48 26.16
C LEU B 195 -4.92 20.17 25.38
N ARG B 196 -4.85 21.49 25.26
CA ARG B 196 -5.81 22.24 24.45
CA ARG B 196 -5.82 22.22 24.45
C ARG B 196 -5.61 21.89 22.97
N GLU B 197 -4.36 21.90 22.53
CA GLU B 197 -4.05 21.59 21.14
C GLU B 197 -4.46 20.16 20.81
N LEU B 198 -4.21 19.25 21.75
CA LEU B 198 -4.59 17.84 21.55
C LEU B 198 -6.09 17.70 21.35
N GLU B 199 -6.89 18.35 22.20
CA GLU B 199 -8.34 18.30 22.03
C GLU B 199 -8.76 18.80 20.65
N ALA B 200 -8.18 19.93 20.24
CA ALA B 200 -8.51 20.53 18.95
C ALA B 200 -8.24 19.58 17.80
N ARG B 201 -7.10 18.91 17.84
CA ARG B 201 -6.73 17.99 16.77
C ARG B 201 -7.54 16.69 16.79
N ILE B 202 -7.86 16.21 17.99
CA ILE B 202 -8.67 15.00 18.11
C ILE B 202 -10.08 15.27 17.59
N ILE B 203 -10.61 16.42 17.93
CA ILE B 203 -11.96 16.79 17.50
C ILE B 203 -12.03 16.92 15.99
N GLN B 204 -10.97 17.44 15.38
CA GLN B 204 -10.96 17.58 13.92
C GLN B 204 -10.68 16.24 13.23
N TRP B 205 -9.95 15.36 13.92
CA TRP B 205 -9.81 13.99 13.43
C TRP B 205 -11.17 13.29 13.46
N ARG B 206 -11.85 13.43 14.59
CA ARG B 206 -13.14 12.77 14.78
CA ARG B 206 -13.16 12.80 14.81
C ARG B 206 -14.17 13.25 13.77
N ASN B 207 -14.20 14.54 13.51
CA ASN B 207 -15.17 15.11 12.58
C ASN B 207 -14.69 15.09 11.15
N ALA B 208 -13.64 14.32 10.89
CA ALA B 208 -13.04 14.27 9.57
C ALA B 208 -12.87 15.67 9.01
N ASN B 209 -12.49 16.61 9.88
CA ASN B 209 -12.16 17.95 9.44
C ASN B 209 -10.98 17.87 8.47
N PRO B 210 -11.20 18.34 7.24
CA PRO B 210 -10.26 18.12 6.13
C PRO B 210 -8.90 18.80 6.29
N GLN B 211 -8.82 19.83 7.13
CA GLN B 211 -7.54 20.51 7.32
C GLN B 211 -6.47 19.52 7.80
N LEU B 212 -6.83 18.69 8.77
CA LEU B 212 -5.88 17.76 9.41
C LEU B 212 -4.82 17.19 8.48
N ALA B 213 -5.26 16.49 7.43
CA ALA B 213 -4.31 15.84 6.52
C ALA B 213 -3.46 16.86 5.76
N ALA B 214 -4.09 17.94 5.32
CA ALA B 214 -3.38 19.01 4.63
C ALA B 214 -2.41 19.71 5.57
N ASP B 215 -2.87 19.96 6.80
CA ASP B 215 -2.06 20.60 7.81
C ASP B 215 -0.83 19.77 8.15
N TYR B 216 -1.01 18.45 8.21
CA TYR B 216 0.09 17.55 8.51
C TYR B 216 1.15 17.59 7.41
N ARG B 217 0.70 17.48 6.15
CA ARG B 217 1.63 17.50 5.02
C ARG B 217 2.37 18.82 4.92
N ALA B 218 1.74 19.89 5.38
CA ALA B 218 2.36 21.22 5.34
C ALA B 218 3.52 21.34 6.33
N ARG B 219 3.42 20.63 7.44
CA ARG B 219 4.47 20.68 8.46
C ARG B 219 5.33 19.42 8.44
N SER B 220 5.10 18.58 7.44
CA SER B 220 5.87 17.34 7.29
C SER B 220 7.27 17.62 6.78
N LEU B 221 8.27 17.03 7.43
CA LEU B 221 9.65 17.11 6.95
C LEU B 221 9.93 15.94 6.02
N THR B 222 8.99 15.01 5.96
CA THR B 222 9.15 13.78 5.21
C THR B 222 8.66 13.91 3.76
N ILE B 223 7.45 14.43 3.61
CA ILE B 223 6.88 14.59 2.28
CA ILE B 223 6.85 14.63 2.29
C ILE B 223 7.74 15.49 1.40
N GLY B 224 8.02 15.00 0.19
CA GLY B 224 8.83 15.72 -0.78
C GLY B 224 10.29 15.32 -0.71
N SER B 225 10.66 14.57 0.32
CA SER B 225 12.04 14.14 0.50
CA SER B 225 12.04 14.15 0.48
C SER B 225 12.27 12.73 -0.03
N ARG B 226 13.48 12.48 -0.52
CA ARG B 226 13.87 11.11 -0.80
C ARG B 226 14.15 10.52 0.57
N VAL B 227 13.59 9.36 0.85
CA VAL B 227 13.72 8.78 2.18
C VAL B 227 14.04 7.29 2.12
N ARG B 228 14.63 6.80 3.21
CA ARG B 228 14.80 5.37 3.40
C ARG B 228 13.88 4.96 4.53
N VAL B 229 12.95 4.05 4.23
CA VAL B 229 12.06 3.52 5.24
C VAL B 229 12.58 2.16 5.69
N GLU B 230 12.97 2.07 6.96
CA GLU B 230 13.55 0.84 7.49
C GLU B 230 12.47 -0.10 7.99
N LEU B 231 12.56 -1.36 7.55
CA LEU B 231 11.59 -2.38 7.91
C LEU B 231 12.31 -3.58 8.53
N PRO B 232 11.57 -4.44 9.25
CA PRO B 232 12.18 -5.60 9.91
C PRO B 232 12.94 -6.48 8.92
N GLY B 233 13.93 -7.22 9.42
CA GLY B 233 14.68 -8.14 8.59
C GLY B 233 15.48 -7.47 7.50
N GLY B 234 15.87 -6.22 7.71
CA GLY B 234 16.68 -5.47 6.76
C GLY B 234 16.01 -5.23 5.43
N GLN B 235 14.69 -5.09 5.44
CA GLN B 235 13.92 -4.95 4.20
C GLN B 235 13.59 -3.50 3.87
N ASP B 236 14.60 -2.63 3.89
CA ASP B 236 14.40 -1.21 3.67
C ASP B 236 13.92 -0.88 2.26
N VAL B 237 13.10 0.16 2.14
CA VAL B 237 12.67 0.66 0.85
C VAL B 237 13.02 2.14 0.72
N VAL B 238 13.66 2.48 -0.40
CA VAL B 238 14.00 3.87 -0.67
C VAL B 238 13.10 4.44 -1.77
N GLY B 239 12.65 5.68 -1.57
CA GLY B 239 11.83 6.34 -2.56
C GLY B 239 11.54 7.77 -2.17
N ILE B 240 10.78 8.48 -2.99
CA ILE B 240 10.37 9.84 -2.66
C ILE B 240 9.04 9.79 -1.92
N ALA B 241 8.99 10.37 -0.72
CA ALA B 241 7.73 10.42 0.02
C ALA B 241 6.77 11.40 -0.65
N ARG B 242 5.70 10.87 -1.23
CA ARG B 242 4.79 11.69 -2.02
C ARG B 242 3.53 12.11 -1.28
N ASP B 243 3.08 11.27 -0.34
CA ASP B 243 1.81 11.52 0.33
CA ASP B 243 1.83 11.55 0.36
C ASP B 243 1.61 10.59 1.53
N ILE B 244 0.58 10.88 2.31
CA ILE B 244 0.14 10.02 3.40
C ILE B 244 -1.30 9.66 3.07
N ASP B 245 -1.62 8.38 2.99
CA ASP B 245 -2.95 7.98 2.57
C ASP B 245 -3.98 8.11 3.70
N ASP B 246 -5.23 7.75 3.41
CA ASP B 246 -6.32 7.95 4.36
C ASP B 246 -6.20 7.06 5.60
N GLN B 247 -5.22 6.16 5.59
CA GLN B 247 -5.00 5.28 6.74
C GLN B 247 -3.77 5.73 7.54
N GLY B 248 -3.15 6.82 7.10
CA GLY B 248 -1.97 7.35 7.76
C GLY B 248 -0.69 6.68 7.31
N ARG B 249 -0.75 6.00 6.17
CA ARG B 249 0.40 5.25 5.66
C ARG B 249 1.21 6.09 4.67
N LEU B 250 2.51 5.83 4.58
CA LEU B 250 3.38 6.62 3.73
C LEU B 250 3.34 6.09 2.29
N CYS B 251 3.10 6.99 1.35
CA CYS B 251 3.09 6.64 -0.07
C CYS B 251 4.39 7.09 -0.71
N LEU B 252 5.16 6.14 -1.21
CA LEU B 252 6.45 6.43 -1.83
C LEU B 252 6.39 6.31 -3.34
N ASP B 253 7.08 7.22 -4.03
CA ASP B 253 7.43 6.99 -5.43
C ASP B 253 8.69 6.14 -5.45
N VAL B 254 8.55 4.90 -5.92
CA VAL B 254 9.69 4.02 -6.09
C VAL B 254 9.81 3.64 -7.55
N GLY B 255 10.82 4.20 -8.22
CA GLY B 255 11.06 3.90 -9.62
C GLY B 255 9.90 4.26 -10.53
N GLY B 256 9.09 5.23 -10.09
CA GLY B 256 8.00 5.72 -10.92
C GLY B 256 6.64 5.14 -10.59
N ARG B 257 6.59 4.24 -9.61
CA ARG B 257 5.34 3.64 -9.20
C ARG B 257 5.16 3.72 -7.68
N THR B 258 3.92 3.58 -7.21
CA THR B 258 3.62 3.77 -5.81
C THR B 258 3.84 2.53 -4.94
N VAL B 259 4.56 2.72 -3.84
CA VAL B 259 4.68 1.70 -2.80
C VAL B 259 4.17 2.33 -1.51
N VAL B 260 3.28 1.62 -0.81
CA VAL B 260 2.70 2.12 0.42
C VAL B 260 3.23 1.32 1.61
N VAL B 261 3.61 2.04 2.67
CA VAL B 261 4.18 1.41 3.86
C VAL B 261 3.38 1.82 5.09
N SER B 262 2.93 0.83 5.85
CA SER B 262 2.04 1.07 6.99
C SER B 262 2.76 1.78 8.13
N ALA B 263 3.94 1.28 8.48
CA ALA B 263 4.72 1.83 9.57
C ALA B 263 6.17 1.38 9.48
N GLY B 264 7.07 2.30 9.75
CA GLY B 264 8.50 2.01 9.68
C GLY B 264 9.29 3.20 10.15
N ASP B 265 10.60 3.06 10.19
CA ASP B 265 11.48 4.12 10.64
C ASP B 265 12.07 4.85 9.44
N VAL B 266 11.85 6.15 9.39
CA VAL B 266 12.24 6.96 8.24
C VAL B 266 13.58 7.64 8.46
N VAL B 267 14.44 7.56 7.46
CA VAL B 267 15.65 8.36 7.39
C VAL B 267 15.55 9.29 6.20
N HIS B 268 15.58 10.60 6.46
CA HIS B 268 15.55 11.57 5.39
C HIS B 268 16.90 11.60 4.70
N LEU B 269 16.91 11.30 3.41
CA LEU B 269 18.16 11.25 2.66
C LEU B 269 18.50 12.61 2.09
N ARG B 270 18.94 13.51 2.97
CA ARG B 270 19.33 14.85 2.57
C ARG B 270 20.12 15.52 3.68
S BS5 C . 6.55 -9.74 -18.28
N1 BS5 C . 6.45 -17.39 -22.93
C2 BS5 C . 6.84 -17.22 -21.65
N3 BS5 C . 7.72 -16.28 -21.25
C4 BS5 C . 8.26 -15.43 -22.15
C5 BS5 C . 7.90 -15.56 -23.56
C6 BS5 C . 6.93 -16.61 -23.92
N6 BS5 C . 6.53 -16.79 -25.20
N7 BS5 C . 8.59 -14.59 -24.22
C8 BS5 C . 9.33 -13.94 -23.30
N9 BS5 C . 9.13 -14.44 -22.06
C1' BS5 C . 9.77 -13.96 -20.82
N1B BS5 C . 1.13 -7.83 -27.77
S1B BS5 C . 1.31 -11.02 -26.78
C2' BS5 C . 10.97 -13.09 -21.13
O2' BS5 C . 11.97 -13.40 -20.15
C2B BS5 C . 1.32 -10.19 -25.22
N2B BS5 C . 2.34 -8.06 -25.97
C3' BS5 C . 10.50 -11.67 -20.90
O3' BS5 C . 11.57 -10.86 -20.38
C3B BS5 C . 2.31 -7.61 -27.21
O3B BS5 C . 3.26 -7.08 -27.79
C4' BS5 C . 9.40 -11.84 -19.89
O4' BS5 C . 8.81 -13.11 -20.18
C4B BS5 C . 1.10 -8.73 -25.61
C5' BS5 C . 8.33 -10.75 -19.94
N5' BS5 C . 7.48 -10.93 -18.78
C5B BS5 C . 0.29 -8.63 -26.91
C6B BS5 C . 0.07 -10.01 -27.53
C7B BS5 C . 2.58 -10.41 -24.41
C8B BS5 C . 2.46 -9.80 -23.02
C9B BS5 C . 3.50 -10.37 -22.06
CAB BS5 C . 3.55 -9.57 -20.75
CBB BS5 C . 4.59 -10.16 -19.81
NBB BS5 C . 5.53 -9.33 -19.36
OCB BS5 C . 4.51 -11.33 -19.50
OP1 BS5 C . 5.87 -10.19 -17.09
OP2 BS5 C . 7.36 -8.59 -17.97
S BS5 D . 9.76 5.25 18.52
N1 BS5 D . 13.70 11.40 23.50
C2 BS5 D . 14.01 11.07 22.24
N3 BS5 D . 14.22 9.80 21.85
C4 BS5 D . 14.13 8.78 22.73
C5 BS5 D . 13.80 9.07 24.13
C6 BS5 D . 13.57 10.48 24.49
N6 BS5 D . 13.25 10.84 25.76
N7 BS5 D . 13.77 7.88 24.77
C8 BS5 D . 14.08 6.92 23.86
N9 BS5 D . 14.29 7.46 22.65
C1' BS5 D . 14.63 6.73 21.41
N1B BS5 D . 3.72 6.23 27.82
S1B BS5 D . 5.62 8.80 26.94
C2' BS5 D . 15.11 5.32 21.73
O2' BS5 D . 16.15 5.01 20.79
C2B BS5 D . 5.25 8.12 25.36
N2B BS5 D . 4.86 5.78 26.01
C3' BS5 D . 13.92 4.42 21.46
O3' BS5 D . 14.34 3.15 20.97
C3B BS5 D . 4.57 5.40 27.25
O3B BS5 D . 5.03 4.41 27.80
C4' BS5 D . 13.18 5.21 20.38
O4' BS5 D . 13.42 6.58 20.68
C4B BS5 D . 4.23 7.03 25.67
C5' BS5 D . 11.68 4.92 20.32
N5' BS5 D . 11.15 5.68 19.20
C5B BS5 D . 3.46 7.37 26.96
C6B BS5 D . 4.01 8.63 27.62
C7B BS5 D . 6.49 7.62 24.60
C8B BS5 D . 6.14 7.28 23.16
C9B BS5 D . 7.38 7.11 22.28
CAB BS5 D . 7.01 6.65 20.87
CBB BS5 D . 8.24 6.60 19.98
NBB BS5 D . 8.59 5.41 19.50
OCB BS5 D . 8.85 7.63 19.72
OP1 BS5 D . 9.57 6.07 17.35
OP2 BS5 D . 9.84 3.88 18.13
#